data_4EYL
#
_entry.id   4EYL
#
_cell.length_a   106.000
_cell.length_b   106.000
_cell.length_c   92.580
_cell.angle_alpha   90.00
_cell.angle_beta   90.00
_cell.angle_gamma   90.00
#
_symmetry.space_group_name_H-M   'P 41 21 2'
#
loop_
_entity.id
_entity.type
_entity.pdbx_description
1 polymer 'Beta-lactamase NDM-1'
2 non-polymer '(2S)-2-[(1S,2R)-1-carboxy-2-hydroxypropyl]-4-{[(3S,5S)-5-(dimethylcarbamoyl)pyrrolidin-3-yl]sulfanyl}-3-methyl-2H-pyrro le-5-carboxylic acid'
3 non-polymer 'ZINC ION'
4 water water
#
_entity_poly.entity_id   1
_entity_poly.type   'polypeptide(L)'
_entity_poly.pdbx_seq_one_letter_code
;MELPNIMHPVAKLSTALAAALMLSGCMPGEIRPTIGQQMETGDQRFGDLVFRQLAPNVWQHTSYLDMPGFGAVASNGLIV
RDGGRVLVVDTAWTDDQTAQILNWIKQEINLPVALAVVTHAHQDKMGGMDALHAAGIATYANALSNQLAPQEGMVAAQHS
LTFAANGWVEPATAPNFGPLKVFYPGPGHTSDNITVGIDGTDIAFGGCLIKDSKAKSLGNLGDADTEHYAASARAFGAAF
PKASMIVMSHSAPDSRAAITHTARMADKLRLV
;
_entity_poly.pdbx_strand_id   A,B
#
loop_
_chem_comp.id
_chem_comp.type
_chem_comp.name
_chem_comp.formula
0RV non-polymer '(2S)-2-[(1S,2R)-1-carboxy-2-hydroxypropyl]-4-{[(3S,5S)-5-(dimethylcarbamoyl)pyrrolidin-3-yl]sulfanyl}-3-methyl-2H-pyrro le-5-carboxylic acid' 'C17 H25 N3 O6 S'
ZN non-polymer 'ZINC ION' 'Zn 2'
#
# COMPACT_ATOMS: atom_id res chain seq x y z
N GLY A 42 -33.12 -16.71 9.48
CA GLY A 42 -31.94 -17.61 9.68
C GLY A 42 -30.93 -17.12 10.71
N ASP A 43 -31.09 -15.89 11.17
CA ASP A 43 -30.22 -15.36 12.23
C ASP A 43 -30.51 -16.03 13.57
N GLN A 44 -29.45 -16.26 14.35
CA GLN A 44 -29.60 -16.67 15.74
C GLN A 44 -28.81 -15.77 16.68
N ARG A 45 -29.48 -15.30 17.74
CA ARG A 45 -28.82 -14.56 18.81
C ARG A 45 -28.04 -15.47 19.75
N PHE A 46 -26.80 -15.08 20.04
CA PHE A 46 -26.03 -15.67 21.13
C PHE A 46 -25.37 -14.56 21.96
N GLY A 47 -25.83 -14.39 23.20
CA GLY A 47 -25.45 -13.21 23.99
C GLY A 47 -25.83 -11.95 23.24
N ASP A 48 -24.83 -11.12 22.97
CA ASP A 48 -25.06 -9.88 22.20
C ASP A 48 -24.60 -10.02 20.75
N LEU A 49 -24.30 -11.23 20.32
CA LEU A 49 -23.87 -11.49 18.95
C LEU A 49 -25.00 -12.13 18.16
N VAL A 50 -24.91 -12.04 16.83
CA VAL A 50 -25.78 -12.79 15.96
C VAL A 50 -24.96 -13.62 14.99
N PHE A 51 -25.39 -14.86 14.79
CA PHE A 51 -24.73 -15.77 13.87
C PHE A 51 -25.71 -16.25 12.82
N ARG A 52 -25.22 -16.37 11.59
CA ARG A 52 -26.07 -16.84 10.51
C ARG A 52 -25.31 -17.85 9.68
N GLN A 53 -25.85 -19.06 9.56
CA GLN A 53 -25.15 -20.09 8.78
C GLN A 53 -25.29 -19.80 7.29
N LEU A 54 -24.18 -19.82 6.56
CA LEU A 54 -24.18 -19.48 5.13
C LEU A 54 -24.02 -20.73 4.27
N ALA A 55 -23.33 -21.73 4.82
CA ALA A 55 -22.98 -22.98 4.15
C ALA A 55 -22.71 -24.02 5.25
N PRO A 56 -22.61 -25.31 4.88
CA PRO A 56 -22.41 -26.32 5.91
C PRO A 56 -21.24 -26.02 6.86
N ASN A 57 -20.25 -25.27 6.37
CA ASN A 57 -19.05 -25.03 7.15
C ASN A 57 -18.70 -23.56 7.29
N VAL A 58 -19.66 -22.68 6.99
CA VAL A 58 -19.43 -21.24 7.10
C VAL A 58 -20.56 -20.50 7.82
N TRP A 59 -20.19 -19.65 8.77
CA TRP A 59 -21.14 -18.83 9.48
C TRP A 59 -20.65 -17.38 9.43
N GLN A 60 -21.60 -16.45 9.39
CA GLN A 60 -21.33 -15.04 9.55
C GLN A 60 -21.52 -14.70 11.02
N HIS A 61 -20.52 -14.06 11.64
CA HIS A 61 -20.69 -13.46 12.96
C HIS A 61 -20.97 -11.97 12.86
N THR A 62 -21.86 -11.48 13.72
CA THR A 62 -22.24 -10.06 13.75
C THR A 62 -22.17 -9.54 15.17
N SER A 63 -21.47 -8.44 15.34
CA SER A 63 -21.39 -7.79 16.63
C SER A 63 -21.75 -6.32 16.44
N TYR A 64 -22.06 -5.64 17.53
CA TYR A 64 -22.71 -4.34 17.44
C TYR A 64 -22.02 -3.37 18.39
N LEU A 65 -21.66 -2.19 17.91
CA LEU A 65 -20.84 -1.32 18.74
C LEU A 65 -21.69 -0.55 19.75
N ASP A 66 -21.26 -0.57 21.01
CA ASP A 66 -21.81 0.31 22.03
C ASP A 66 -20.72 1.13 22.74
N MET A 67 -20.40 2.29 22.18
CA MET A 67 -19.94 3.42 22.97
C MET A 67 -21.15 4.26 23.39
N PRO A 68 -20.98 5.14 24.38
CA PRO A 68 -22.07 6.10 24.47
C PRO A 68 -21.83 7.29 23.54
N GLY A 69 -22.64 7.38 22.47
CA GLY A 69 -22.43 8.40 21.44
C GLY A 69 -22.77 7.96 20.03
N PHE A 70 -22.97 6.65 19.85
CA PHE A 70 -23.22 6.08 18.52
C PHE A 70 -24.41 5.13 18.55
N GLY A 71 -25.03 4.93 17.39
CA GLY A 71 -26.05 3.86 17.24
C GLY A 71 -25.48 2.47 17.47
N ALA A 72 -26.34 1.46 17.45
CA ALA A 72 -25.87 0.07 17.54
C ALA A 72 -25.43 -0.47 16.17
N VAL A 73 -24.20 -0.18 15.80
CA VAL A 73 -23.73 -0.39 14.44
C VAL A 73 -23.24 -1.84 14.27
N ALA A 74 -23.86 -2.55 13.34
CA ALA A 74 -23.50 -3.94 13.04
C ALA A 74 -22.16 -4.06 12.31
N SER A 75 -21.36 -5.04 12.70
CA SER A 75 -20.23 -5.44 11.85
C SER A 75 -20.17 -6.94 11.69
N ASN A 76 -19.95 -7.39 10.46
CA ASN A 76 -19.96 -8.82 10.12
C ASN A 76 -18.55 -9.34 9.87
N GLY A 77 -18.32 -10.60 10.23
CA GLY A 77 -17.14 -11.34 9.79
C GLY A 77 -17.56 -12.78 9.54
N LEU A 78 -16.58 -13.67 9.39
CA LEU A 78 -16.87 -15.06 9.06
C LEU A 78 -16.22 -16.05 10.01
N ILE A 79 -16.88 -17.19 10.18
CA ILE A 79 -16.28 -18.35 10.79
C ILE A 79 -16.33 -19.50 9.79
N VAL A 80 -15.18 -20.13 9.57
CA VAL A 80 -15.08 -21.22 8.60
C VAL A 80 -14.59 -22.47 9.32
N ARG A 81 -15.36 -23.55 9.27
CA ARG A 81 -14.84 -24.81 9.77
C ARG A 81 -14.09 -25.51 8.66
N ASP A 82 -12.79 -25.66 8.83
CA ASP A 82 -11.96 -26.35 7.83
C ASP A 82 -11.62 -27.76 8.33
N GLY A 83 -12.61 -28.65 8.32
CA GLY A 83 -12.41 -30.03 8.75
C GLY A 83 -12.29 -30.21 10.26
N GLY A 84 -11.06 -30.12 10.77
CA GLY A 84 -10.77 -30.35 12.19
C GLY A 84 -10.31 -29.08 12.89
N ARG A 85 -10.47 -27.94 12.23
CA ARG A 85 -10.07 -26.67 12.84
C ARG A 85 -10.97 -25.56 12.35
N VAL A 86 -10.94 -24.45 13.06
CA VAL A 86 -11.77 -23.31 12.71
C VAL A 86 -10.91 -22.12 12.34
N LEU A 87 -11.32 -21.43 11.29
CA LEU A 87 -10.64 -20.23 10.81
C LEU A 87 -11.58 -19.04 10.97
N VAL A 88 -11.04 -17.93 11.47
CA VAL A 88 -11.86 -16.76 11.73
C VAL A 88 -11.41 -15.64 10.82
N VAL A 89 -12.37 -14.96 10.21
CA VAL A 89 -12.10 -13.76 9.42
C VAL A 89 -12.72 -12.55 10.13
N ASP A 90 -11.86 -11.64 10.58
CA ASP A 90 -12.27 -10.48 11.35
C ASP A 90 -12.60 -10.73 12.82
N THR A 91 -12.21 -9.81 13.71
CA THR A 91 -12.65 -9.86 15.11
C THR A 91 -14.03 -9.21 15.19
N ALA A 92 -14.57 -9.10 16.39
CA ALA A 92 -15.67 -8.17 16.63
C ALA A 92 -15.14 -6.78 17.01
N TRP A 93 -16.03 -5.86 17.35
CA TRP A 93 -15.62 -4.51 17.77
C TRP A 93 -14.67 -4.51 18.97
N THR A 94 -14.93 -5.41 19.93
CA THR A 94 -14.20 -5.35 21.18
C THR A 94 -13.63 -6.71 21.51
N ASP A 95 -12.70 -6.72 22.45
CA ASP A 95 -12.16 -7.95 23.00
C ASP A 95 -13.25 -8.83 23.61
N ASP A 96 -14.13 -8.23 24.41
CA ASP A 96 -15.18 -9.02 25.05
C ASP A 96 -16.06 -9.67 24.01
N GLN A 97 -16.47 -8.90 23.00
CA GLN A 97 -17.31 -9.45 21.96
C GLN A 97 -16.59 -10.57 21.23
N THR A 98 -15.30 -10.38 20.98
CA THR A 98 -14.50 -11.39 20.31
C THR A 98 -14.39 -12.64 21.16
N ALA A 99 -14.27 -12.47 22.47
CA ALA A 99 -14.29 -13.63 23.36
C ALA A 99 -15.63 -14.38 23.32
N GLN A 100 -16.73 -13.64 23.20
CA GLN A 100 -18.02 -14.29 22.95
C GLN A 100 -18.02 -15.11 21.66
N ILE A 101 -17.41 -14.59 20.60
CA ILE A 101 -17.36 -15.37 19.35
C ILE A 101 -16.64 -16.68 19.65
N LEU A 102 -15.52 -16.61 20.36
CA LEU A 102 -14.75 -17.83 20.69
C LEU A 102 -15.57 -18.83 21.53
N ASN A 103 -16.43 -18.33 22.41
CA ASN A 103 -17.29 -19.21 23.21
C ASN A 103 -18.38 -19.86 22.37
N TRP A 104 -18.93 -19.11 21.42
CA TRP A 104 -19.87 -19.71 20.46
C TRP A 104 -19.19 -20.82 19.68
N ILE A 105 -18.01 -20.53 19.16
CA ILE A 105 -17.24 -21.56 18.44
C ILE A 105 -17.04 -22.80 19.32
N LYS A 106 -16.58 -22.57 20.56
CA LYS A 106 -16.26 -23.68 21.46
C LYS A 106 -17.51 -24.52 21.76
N GLN A 107 -18.64 -23.85 21.96
CA GLN A 107 -19.90 -24.56 22.19
C GLN A 107 -20.45 -25.25 20.94
N GLU A 108 -20.59 -24.51 19.85
CA GLU A 108 -21.31 -24.98 18.67
C GLU A 108 -20.49 -25.81 17.69
N ILE A 109 -19.17 -25.65 17.72
CA ILE A 109 -18.30 -26.39 16.82
C ILE A 109 -17.30 -27.23 17.61
N ASN A 110 -16.70 -26.63 18.62
CA ASN A 110 -15.78 -27.32 19.52
C ASN A 110 -14.59 -27.94 18.80
N LEU A 111 -13.99 -27.14 17.94
CA LEU A 111 -12.68 -27.45 17.38
C LEU A 111 -11.73 -26.28 17.67
N PRO A 112 -10.42 -26.53 17.65
CA PRO A 112 -9.47 -25.44 17.91
C PRO A 112 -9.48 -24.42 16.78
N VAL A 113 -9.39 -23.14 17.14
CA VAL A 113 -9.26 -22.06 16.18
C VAL A 113 -7.80 -21.94 15.75
N ALA A 114 -7.51 -22.40 14.53
CA ALA A 114 -6.13 -22.46 14.08
C ALA A 114 -5.56 -21.09 13.76
N LEU A 115 -6.39 -20.16 13.29
CA LEU A 115 -5.90 -18.84 12.86
C LEU A 115 -7.06 -17.88 12.70
N ALA A 116 -6.74 -16.59 12.79
CA ALA A 116 -7.64 -15.53 12.38
C ALA A 116 -6.94 -14.61 11.37
N VAL A 117 -7.67 -14.19 10.35
CA VAL A 117 -7.19 -13.14 9.46
C VAL A 117 -8.13 -11.94 9.55
N VAL A 118 -7.54 -10.75 9.65
CA VAL A 118 -8.31 -9.52 9.79
C VAL A 118 -8.04 -8.62 8.57
N THR A 119 -9.07 -7.91 8.11
CA THR A 119 -9.09 -7.48 6.73
C THR A 119 -8.70 -6.01 6.55
N HIS A 120 -8.67 -5.25 7.66
CA HIS A 120 -7.90 -4.01 7.70
C HIS A 120 -7.84 -3.48 9.12
N ALA A 121 -7.07 -2.42 9.31
CA ALA A 121 -6.84 -1.87 10.63
C ALA A 121 -7.87 -0.80 11.03
N HIS A 122 -9.14 -1.19 11.16
CA HIS A 122 -10.13 -0.35 11.86
C HIS A 122 -10.75 -1.18 12.97
N GLN A 123 -11.42 -0.52 13.91
CA GLN A 123 -11.89 -1.22 15.12
C GLN A 123 -12.81 -2.40 14.83
N ASP A 124 -13.71 -2.25 13.87
CA ASP A 124 -14.71 -3.30 13.68
C ASP A 124 -14.11 -4.59 13.13
N LYS A 125 -12.88 -4.52 12.62
CA LYS A 125 -12.23 -5.73 12.09
C LYS A 125 -11.12 -6.21 12.97
N MET A 126 -10.50 -5.29 13.71
CA MET A 126 -9.30 -5.61 14.49
C MET A 126 -9.43 -5.26 15.97
N GLY A 127 -10.57 -4.71 16.37
CA GLY A 127 -10.84 -4.39 17.79
C GLY A 127 -10.63 -5.50 18.81
N GLY A 128 -10.65 -6.77 18.37
CA GLY A 128 -10.56 -7.88 19.34
C GLY A 128 -9.29 -8.72 19.28
N MET A 129 -8.18 -8.10 18.86
CA MET A 129 -6.92 -8.82 18.70
C MET A 129 -6.39 -9.41 20.01
N ASP A 130 -6.47 -8.64 21.09
CA ASP A 130 -6.01 -9.11 22.41
C ASP A 130 -6.76 -10.35 22.89
N ALA A 131 -8.05 -10.43 22.59
CA ALA A 131 -8.79 -11.66 22.91
C ALA A 131 -8.30 -12.89 22.12
N LEU A 132 -8.02 -12.70 20.83
CA LEU A 132 -7.47 -13.77 20.02
C LEU A 132 -6.13 -14.21 20.57
N HIS A 133 -5.27 -13.25 20.88
CA HIS A 133 -3.93 -13.59 21.37
C HIS A 133 -3.97 -14.23 22.74
N ALA A 134 -4.86 -13.76 23.60
CA ALA A 134 -5.02 -14.39 24.92
C ALA A 134 -5.44 -15.86 24.78
N ALA A 135 -6.15 -16.18 23.68
CA ALA A 135 -6.59 -17.54 23.45
C ALA A 135 -5.55 -18.36 22.68
N GLY A 136 -4.40 -17.75 22.41
CA GLY A 136 -3.29 -18.44 21.75
C GLY A 136 -3.54 -18.71 20.27
N ILE A 137 -4.41 -17.92 19.65
CA ILE A 137 -4.73 -18.08 18.23
C ILE A 137 -3.75 -17.26 17.36
N ALA A 138 -3.18 -17.89 16.33
CA ALA A 138 -2.25 -17.20 15.41
C ALA A 138 -3.03 -16.20 14.52
N THR A 139 -2.55 -14.97 14.45
CA THR A 139 -3.30 -13.93 13.77
C THR A 139 -2.48 -13.41 12.59
N TYR A 140 -3.17 -13.09 11.49
CA TYR A 140 -2.54 -12.68 10.25
C TYR A 140 -3.24 -11.42 9.78
N ALA A 141 -2.47 -10.47 9.25
CA ALA A 141 -3.07 -9.31 8.59
C ALA A 141 -2.13 -8.85 7.47
N ASN A 142 -2.66 -8.08 6.55
CA ASN A 142 -1.82 -7.31 5.59
C ASN A 142 -0.65 -6.68 6.35
N ALA A 143 0.57 -6.85 5.87
CA ALA A 143 1.72 -6.09 6.41
C ALA A 143 1.40 -4.62 6.65
N LEU A 144 0.76 -3.99 5.68
CA LEU A 144 0.34 -2.61 5.81
C LEU A 144 -0.66 -2.40 6.96
N SER A 145 -1.57 -3.34 7.17
CA SER A 145 -2.47 -3.25 8.36
C SER A 145 -1.66 -3.27 9.66
N ASN A 146 -0.65 -4.15 9.73
CA ASN A 146 0.21 -4.18 10.92
C ASN A 146 1.04 -2.91 11.11
N GLN A 147 1.48 -2.31 10.01
CA GLN A 147 2.22 -1.04 10.06
C GLN A 147 1.33 0.12 10.47
N LEU A 148 0.09 0.10 9.99
CA LEU A 148 -0.90 1.11 10.35
C LEU A 148 -1.43 0.94 11.79
N ALA A 149 -1.41 -0.29 12.28
CA ALA A 149 -2.08 -0.61 13.54
C ALA A 149 -1.79 0.39 14.67
N PRO A 150 -0.52 0.66 14.98
CA PRO A 150 -0.28 1.61 16.09
C PRO A 150 -0.96 2.98 15.88
N GLN A 151 -0.97 3.48 14.64
CA GLN A 151 -1.58 4.78 14.39
C GLN A 151 -3.09 4.73 14.55
N GLU A 152 -3.69 3.56 14.31
CA GLU A 152 -5.14 3.42 14.27
C GLU A 152 -5.66 3.03 15.66
N GLY A 153 -4.72 2.68 16.53
CA GLY A 153 -5.06 2.17 17.86
C GLY A 153 -5.33 0.67 17.91
N MET A 154 -4.84 -0.07 16.91
CA MET A 154 -5.08 -1.51 16.91
C MET A 154 -3.85 -2.24 17.42
N VAL A 155 -4.08 -3.40 18.04
CA VAL A 155 -3.00 -4.35 18.27
C VAL A 155 -2.66 -5.01 16.94
N ALA A 156 -1.39 -4.99 16.55
CA ALA A 156 -0.97 -5.64 15.32
C ALA A 156 -1.17 -7.17 15.40
N ALA A 157 -1.43 -7.79 14.24
CA ALA A 157 -1.42 -9.23 14.12
C ALA A 157 -0.01 -9.77 14.30
N GLN A 158 0.08 -11.02 14.70
CA GLN A 158 1.38 -11.66 14.91
C GLN A 158 2.16 -11.83 13.61
N HIS A 159 1.46 -12.02 12.51
CA HIS A 159 2.12 -12.38 11.24
C HIS A 159 1.62 -11.40 10.16
N SER A 160 2.49 -11.11 9.19
CA SER A 160 2.18 -10.18 8.14
C SER A 160 2.03 -10.88 6.80
N LEU A 161 0.91 -10.61 6.14
CA LEU A 161 0.67 -11.11 4.77
C LEU A 161 1.27 -10.12 3.77
N THR A 162 1.87 -10.64 2.71
CA THR A 162 2.29 -9.80 1.59
C THR A 162 1.64 -10.34 0.32
N PHE A 163 1.68 -9.55 -0.74
CA PHE A 163 0.88 -9.84 -1.92
C PHE A 163 1.72 -9.70 -3.18
N ALA A 164 1.41 -10.51 -4.17
CA ALA A 164 2.00 -10.36 -5.50
C ALA A 164 1.46 -9.13 -6.20
N ALA A 165 2.02 -8.83 -7.36
CA ALA A 165 1.59 -7.67 -8.14
C ALA A 165 0.17 -7.88 -8.70
N ASN A 166 -0.26 -9.13 -8.80
CA ASN A 166 -1.61 -9.40 -9.33
C ASN A 166 -2.64 -9.37 -8.20
N GLY A 167 -2.17 -9.19 -6.98
CA GLY A 167 -3.08 -9.01 -5.84
C GLY A 167 -3.25 -10.22 -4.94
N TRP A 168 -2.86 -11.40 -5.43
CA TRP A 168 -2.98 -12.63 -4.65
C TRP A 168 -1.94 -12.69 -3.55
N VAL A 169 -2.36 -13.16 -2.38
CA VAL A 169 -1.45 -13.30 -1.24
C VAL A 169 -0.30 -14.21 -1.66
N GLU A 170 0.91 -13.83 -1.24
CA GLU A 170 2.09 -14.67 -1.39
C GLU A 170 1.96 -15.86 -0.47
N PRO A 171 1.94 -17.09 -1.03
CA PRO A 171 1.46 -18.19 -0.19
C PRO A 171 2.44 -18.57 0.92
N ALA A 172 3.69 -18.13 0.80
CA ALA A 172 4.67 -18.30 1.86
C ALA A 172 4.21 -17.58 3.13
N THR A 173 3.45 -16.50 2.98
CA THR A 173 3.09 -15.66 4.12
C THR A 173 1.73 -16.07 4.68
N ALA A 174 1.06 -16.99 4.00
CA ALA A 174 -0.26 -17.46 4.45
C ALA A 174 -0.28 -18.99 4.52
N PRO A 175 0.63 -19.57 5.33
CA PRO A 175 0.74 -21.04 5.40
C PRO A 175 -0.54 -21.67 5.95
N ASN A 176 -0.89 -22.85 5.42
CA ASN A 176 -2.04 -23.62 5.93
C ASN A 176 -3.30 -22.78 6.10
N PHE A 177 -3.63 -22.00 5.07
CA PHE A 177 -4.89 -21.24 5.08
C PHE A 177 -6.07 -22.06 4.58
N GLY A 178 -5.83 -23.31 4.21
CA GLY A 178 -6.95 -24.16 3.76
C GLY A 178 -7.78 -23.51 2.66
N PRO A 179 -9.10 -23.38 2.87
CA PRO A 179 -9.96 -22.88 1.81
C PRO A 179 -9.95 -21.33 1.67
N LEU A 180 -9.28 -20.63 2.58
CA LEU A 180 -9.26 -19.17 2.51
C LEU A 180 -8.35 -18.65 1.40
N LYS A 181 -8.95 -18.02 0.38
CA LYS A 181 -8.18 -17.44 -0.73
C LYS A 181 -8.11 -15.91 -0.61
N VAL A 182 -6.95 -15.42 -0.21
CA VAL A 182 -6.84 -14.03 0.24
C VAL A 182 -6.31 -13.14 -0.88
N PHE A 183 -7.01 -12.03 -1.12
CA PHE A 183 -6.79 -11.19 -2.30
C PHE A 183 -6.80 -9.72 -1.86
N TYR A 184 -5.74 -9.01 -2.23
CA TYR A 184 -5.64 -7.58 -2.02
C TYR A 184 -6.02 -6.86 -3.30
N PRO A 185 -7.17 -6.16 -3.27
CA PRO A 185 -7.73 -5.67 -4.53
C PRO A 185 -7.23 -4.28 -4.88
N GLY A 186 -6.40 -3.72 -4.00
CA GLY A 186 -5.96 -2.33 -4.16
C GLY A 186 -6.65 -1.42 -3.16
N PRO A 187 -6.19 -0.17 -3.07
CA PRO A 187 -6.73 0.73 -2.04
C PRO A 187 -8.17 1.10 -2.38
N GLY A 188 -9.03 1.17 -1.37
CA GLY A 188 -10.41 1.62 -1.57
C GLY A 188 -11.03 2.22 -0.33
N HIS A 189 -11.69 1.38 0.46
CA HIS A 189 -12.18 1.75 1.77
C HIS A 189 -11.05 2.23 2.64
N THR A 190 -9.92 1.53 2.57
CA THR A 190 -8.66 1.97 3.17
C THR A 190 -7.53 1.54 2.25
N SER A 191 -6.31 1.94 2.59
CA SER A 191 -5.15 1.53 1.80
C SER A 191 -4.87 0.02 1.93
N ASP A 192 -5.21 -0.55 3.10
CA ASP A 192 -4.75 -1.89 3.49
C ASP A 192 -5.86 -2.95 3.33
N ASN A 193 -7.08 -2.53 2.98
CA ASN A 193 -8.18 -3.50 2.88
C ASN A 193 -7.85 -4.74 2.06
N ILE A 194 -8.13 -5.92 2.63
CA ILE A 194 -8.03 -7.19 1.89
C ILE A 194 -9.34 -7.97 1.90
N THR A 195 -9.44 -8.94 0.99
CA THR A 195 -10.68 -9.66 0.82
C THR A 195 -10.39 -11.16 0.83
N VAL A 196 -11.43 -11.99 1.04
CA VAL A 196 -11.20 -13.42 1.19
C VAL A 196 -12.30 -14.21 0.48
N GLY A 197 -11.89 -15.12 -0.40
CA GLY A 197 -12.83 -16.12 -0.93
C GLY A 197 -12.78 -17.40 -0.15
N ILE A 198 -13.89 -18.12 -0.11
CA ILE A 198 -13.86 -19.42 0.57
C ILE A 198 -13.99 -20.53 -0.47
N ASP A 199 -12.87 -21.20 -0.72
CA ASP A 199 -12.87 -22.31 -1.67
C ASP A 199 -13.85 -23.40 -1.23
N GLY A 200 -14.43 -24.07 -2.21
CA GLY A 200 -15.44 -25.08 -1.95
C GLY A 200 -16.84 -24.55 -1.78
N THR A 201 -17.01 -23.22 -1.84
CA THR A 201 -18.29 -22.56 -1.60
C THR A 201 -18.51 -21.50 -2.67
N ASP A 202 -19.68 -20.86 -2.65
CA ASP A 202 -19.92 -19.76 -3.55
C ASP A 202 -19.72 -18.40 -2.89
N ILE A 203 -18.95 -18.38 -1.80
CA ILE A 203 -18.88 -17.20 -0.93
C ILE A 203 -17.59 -16.43 -1.16
N ALA A 204 -17.71 -15.12 -1.30
CA ALA A 204 -16.56 -14.24 -1.16
C ALA A 204 -16.86 -13.12 -0.17
N PHE A 205 -15.84 -12.72 0.59
CA PHE A 205 -16.01 -11.72 1.63
C PHE A 205 -15.34 -10.41 1.23
N GLY A 206 -16.14 -9.36 1.05
CA GLY A 206 -15.60 -8.04 0.72
C GLY A 206 -15.12 -7.17 1.87
N GLY A 207 -15.53 -7.47 3.10
CA GLY A 207 -15.18 -6.60 4.23
C GLY A 207 -15.89 -5.26 4.10
N CYS A 208 -15.21 -4.18 4.49
CA CYS A 208 -15.82 -2.85 4.33
C CYS A 208 -15.62 -2.21 2.96
N LEU A 209 -14.82 -2.87 2.11
CA LEU A 209 -14.69 -2.44 0.72
C LEU A 209 -16.06 -2.42 0.01
N ILE A 210 -16.84 -3.46 0.21
CA ILE A 210 -18.06 -3.67 -0.55
C ILE A 210 -19.30 -3.29 0.29
N LYS A 211 -20.23 -2.57 -0.33
CA LYS A 211 -21.48 -2.20 0.31
C LYS A 211 -22.65 -2.86 -0.45
N ASP A 212 -23.80 -3.02 0.20
CA ASP A 212 -24.87 -3.79 -0.41
C ASP A 212 -25.51 -3.00 -1.56
N SER A 213 -26.19 -3.71 -2.46
CA SER A 213 -26.64 -3.12 -3.72
C SER A 213 -27.70 -2.04 -3.56
N LYS A 214 -28.13 -1.78 -2.32
CA LYS A 214 -29.12 -0.75 -2.06
C LYS A 214 -28.55 0.35 -1.16
N ALA A 215 -27.24 0.29 -0.92
CA ALA A 215 -26.62 1.22 0.01
C ALA A 215 -26.69 2.63 -0.54
N LYS A 216 -26.81 3.61 0.35
CA LYS A 216 -26.99 4.99 -0.09
C LYS A 216 -25.66 5.68 -0.20
N SER A 217 -24.65 5.13 0.46
CA SER A 217 -23.32 5.74 0.48
C SER A 217 -22.24 4.68 0.69
N LEU A 218 -21.00 5.09 0.56
CA LEU A 218 -19.86 4.20 0.79
C LEU A 218 -19.41 4.19 2.25
N GLY A 219 -20.23 4.78 3.12
CA GLY A 219 -19.95 4.76 4.55
C GLY A 219 -18.79 5.67 4.91
N ASN A 220 -17.89 5.18 5.76
CA ASN A 220 -16.76 6.01 6.22
C ASN A 220 -15.67 6.15 5.16
N LEU A 221 -15.49 7.36 4.65
CA LEU A 221 -14.53 7.63 3.60
C LEU A 221 -13.29 8.39 4.10
N GLY A 222 -13.16 8.52 5.42
CA GLY A 222 -12.08 9.32 5.99
C GLY A 222 -10.70 8.76 5.65
N ASP A 223 -10.64 7.45 5.44
CA ASP A 223 -9.37 6.78 5.15
C ASP A 223 -9.32 6.23 3.71
N ALA A 224 -10.33 6.60 2.91
CA ALA A 224 -10.55 5.99 1.61
C ALA A 224 -9.60 6.54 0.54
N ASP A 225 -9.37 5.74 -0.50
CA ASP A 225 -8.66 6.19 -1.69
C ASP A 225 -9.65 6.39 -2.83
N THR A 226 -10.07 7.64 -3.03
CA THR A 226 -11.24 7.91 -3.85
C THR A 226 -10.92 7.71 -5.35
N GLU A 227 -9.64 7.77 -5.70
CA GLU A 227 -9.23 7.53 -7.09
C GLU A 227 -9.30 6.04 -7.47
N HIS A 228 -8.86 5.16 -6.58
CA HIS A 228 -8.71 3.74 -6.91
C HIS A 228 -9.87 2.87 -6.44
N TYR A 229 -10.77 3.41 -5.62
CA TYR A 229 -11.84 2.62 -4.99
C TYR A 229 -12.63 1.77 -6.01
N ALA A 230 -13.13 2.41 -7.06
CA ALA A 230 -13.97 1.70 -8.02
C ALA A 230 -13.21 0.54 -8.66
N ALA A 231 -11.94 0.77 -9.02
CA ALA A 231 -11.13 -0.26 -9.67
C ALA A 231 -10.89 -1.40 -8.67
N SER A 232 -10.71 -1.05 -7.41
CA SER A 232 -10.48 -2.09 -6.40
C SER A 232 -11.73 -2.95 -6.17
N ALA A 233 -12.90 -2.32 -6.16
CA ALA A 233 -14.15 -3.09 -6.12
C ALA A 233 -14.30 -4.03 -7.33
N ARG A 234 -13.99 -3.53 -8.53
CA ARG A 234 -14.06 -4.39 -9.72
C ARG A 234 -13.01 -5.51 -9.67
N ALA A 235 -11.85 -5.22 -9.09
CA ALA A 235 -10.80 -6.24 -9.02
C ALA A 235 -11.28 -7.37 -8.10
N PHE A 236 -11.92 -7.01 -6.99
CA PHE A 236 -12.42 -8.02 -6.08
C PHE A 236 -13.41 -8.95 -6.82
N GLY A 237 -14.30 -8.36 -7.62
CA GLY A 237 -15.25 -9.10 -8.45
C GLY A 237 -14.58 -10.03 -9.44
N ALA A 238 -13.48 -9.56 -10.03
CA ALA A 238 -12.70 -10.34 -10.98
C ALA A 238 -11.89 -11.44 -10.32
N ALA A 239 -11.43 -11.20 -9.09
CA ALA A 239 -10.62 -12.21 -8.38
C ALA A 239 -11.48 -13.44 -8.05
N PHE A 240 -12.76 -13.20 -7.74
CA PHE A 240 -13.70 -14.27 -7.33
C PHE A 240 -14.92 -14.35 -8.27
N PRO A 241 -14.70 -14.65 -9.56
CA PRO A 241 -15.72 -14.43 -10.61
C PRO A 241 -16.89 -15.42 -10.52
N LYS A 242 -16.71 -16.50 -9.76
CA LYS A 242 -17.77 -17.50 -9.58
C LYS A 242 -18.54 -17.34 -8.26
N ALA A 243 -18.10 -16.45 -7.38
CA ALA A 243 -18.81 -16.24 -6.13
C ALA A 243 -20.17 -15.63 -6.42
N SER A 244 -21.22 -16.17 -5.82
CA SER A 244 -22.59 -15.67 -6.04
C SER A 244 -23.18 -15.15 -4.73
N MET A 245 -22.52 -15.45 -3.62
CA MET A 245 -22.89 -14.86 -2.34
C MET A 245 -21.78 -13.94 -1.86
N ILE A 246 -22.07 -12.64 -1.78
CA ILE A 246 -21.05 -11.68 -1.37
C ILE A 246 -21.33 -11.17 0.04
N VAL A 247 -20.43 -11.49 0.95
CA VAL A 247 -20.53 -11.13 2.35
C VAL A 247 -19.71 -9.87 2.59
N MET A 248 -20.29 -8.95 3.34
CA MET A 248 -19.67 -7.68 3.61
C MET A 248 -19.90 -7.27 5.05
N SER A 249 -19.19 -6.23 5.48
CA SER A 249 -19.14 -5.89 6.90
C SER A 249 -20.48 -5.36 7.41
N HIS A 250 -21.15 -4.53 6.62
CA HIS A 250 -22.28 -3.76 7.16
C HIS A 250 -23.65 -3.96 6.50
N SER A 251 -23.86 -5.09 5.83
CA SER A 251 -25.22 -5.51 5.45
C SER A 251 -25.28 -7.01 5.29
N ALA A 252 -26.49 -7.55 5.18
CA ALA A 252 -26.70 -8.97 4.94
C ALA A 252 -25.99 -9.40 3.66
N PRO A 253 -25.78 -10.72 3.50
CA PRO A 253 -25.16 -11.19 2.26
C PRO A 253 -25.97 -10.78 1.05
N ASP A 254 -25.29 -10.38 -0.02
CA ASP A 254 -25.99 -9.88 -1.20
C ASP A 254 -25.55 -10.67 -2.44
N SER A 255 -26.15 -10.34 -3.59
CA SER A 255 -25.70 -10.89 -4.85
C SER A 255 -24.48 -10.10 -5.32
N ARG A 256 -23.94 -10.51 -6.48
CA ARG A 256 -22.88 -9.74 -7.18
C ARG A 256 -23.24 -8.31 -7.52
N ALA A 257 -24.53 -7.98 -7.51
CA ALA A 257 -24.96 -6.60 -7.66
C ALA A 257 -24.33 -5.68 -6.62
N ALA A 258 -24.06 -6.19 -5.40
CA ALA A 258 -23.33 -5.42 -4.40
C ALA A 258 -22.03 -4.88 -5.00
N ILE A 259 -21.33 -5.70 -5.76
CA ILE A 259 -20.01 -5.32 -6.27
C ILE A 259 -20.15 -4.20 -7.29
N THR A 260 -21.10 -4.34 -8.21
CA THR A 260 -21.23 -3.37 -9.28
C THR A 260 -21.82 -2.05 -8.74
N HIS A 261 -22.72 -2.15 -7.77
CA HIS A 261 -23.25 -0.94 -7.11
C HIS A 261 -22.17 -0.20 -6.33
N THR A 262 -21.29 -0.92 -5.64
CA THR A 262 -20.18 -0.25 -4.94
C THR A 262 -19.25 0.47 -5.94
N ALA A 263 -18.89 -0.21 -7.01
CA ALA A 263 -17.96 0.37 -7.97
C ALA A 263 -18.57 1.63 -8.61
N ARG A 264 -19.88 1.62 -8.85
CA ARG A 264 -20.55 2.80 -9.38
C ARG A 264 -20.53 3.98 -8.42
N MET A 265 -20.88 3.75 -7.17
CA MET A 265 -20.85 4.82 -6.19
C MET A 265 -19.42 5.40 -6.09
N ALA A 266 -18.42 4.51 -6.10
CA ALA A 266 -17.04 4.94 -6.04
C ALA A 266 -16.60 5.77 -7.25
N ASP A 267 -17.06 5.40 -8.44
CA ASP A 267 -16.73 6.20 -9.65
C ASP A 267 -17.47 7.55 -9.64
N LYS A 268 -18.72 7.54 -9.19
CA LYS A 268 -19.44 8.80 -8.95
C LYS A 268 -18.60 9.70 -8.03
N LEU A 269 -18.07 9.12 -6.96
CA LEU A 269 -17.27 9.91 -6.01
C LEU A 269 -15.98 10.43 -6.65
N ARG A 270 -15.33 9.60 -7.42
CA ARG A 270 -14.13 10.00 -8.11
C ARG A 270 -14.32 11.19 -9.07
N LEU A 271 -15.48 11.29 -9.70
CA LEU A 271 -15.78 12.30 -10.72
C LEU A 271 -16.40 13.61 -10.20
N VAL A 272 -16.70 13.67 -8.94
CA VAL A 272 -17.09 14.94 -8.31
C VAL A 272 -15.85 15.79 -8.01
N PRO B 33 27.22 11.65 -29.29
CA PRO B 33 27.81 12.09 -28.03
C PRO B 33 27.40 13.50 -27.66
N THR B 34 27.36 13.79 -26.36
CA THR B 34 26.81 15.03 -25.84
C THR B 34 27.79 15.59 -24.84
N ILE B 35 28.06 16.88 -24.92
CA ILE B 35 28.86 17.51 -23.89
C ILE B 35 27.94 18.24 -22.92
N GLY B 36 28.14 17.97 -21.63
CA GLY B 36 27.45 18.73 -20.61
C GLY B 36 27.71 20.21 -20.72
N GLN B 37 26.72 20.98 -20.40
CA GLN B 37 26.90 22.36 -20.17
C GLN B 37 26.94 22.59 -18.68
N GLN B 38 28.07 23.04 -18.19
CA GLN B 38 28.25 23.28 -16.79
C GLN B 38 27.65 24.61 -16.38
N MET B 39 26.72 24.59 -15.45
CA MET B 39 26.10 25.79 -14.96
C MET B 39 26.86 26.41 -13.75
N GLU B 40 26.80 27.73 -13.61
CA GLU B 40 27.40 28.46 -12.49
C GLU B 40 27.09 27.76 -11.16
N THR B 41 26.02 26.98 -11.17
CA THR B 41 25.32 26.56 -9.98
C THR B 41 25.77 25.15 -9.58
N GLY B 42 26.67 24.57 -10.38
CA GLY B 42 27.14 23.20 -10.15
C GLY B 42 26.34 22.10 -10.85
N ASP B 43 25.18 22.46 -11.40
CA ASP B 43 24.41 21.55 -12.26
C ASP B 43 25.08 21.42 -13.63
N GLN B 44 24.84 20.29 -14.29
CA GLN B 44 25.27 20.08 -15.67
C GLN B 44 24.06 19.73 -16.54
N ARG B 45 23.83 20.52 -17.58
CA ARG B 45 22.80 20.23 -18.56
C ARG B 45 23.33 19.25 -19.60
N PHE B 46 22.51 18.27 -19.97
CA PHE B 46 22.95 17.22 -20.88
C PHE B 46 21.76 16.81 -21.72
N GLY B 47 21.69 17.38 -22.92
CA GLY B 47 20.46 17.33 -23.71
C GLY B 47 19.34 18.09 -23.02
N ASP B 48 18.25 17.35 -22.73
CA ASP B 48 17.10 17.92 -22.03
C ASP B 48 17.19 17.73 -20.52
N LEU B 49 18.23 17.01 -20.07
CA LEU B 49 18.34 16.57 -18.67
C LEU B 49 19.30 17.46 -17.91
N VAL B 50 19.28 17.34 -16.58
CA VAL B 50 20.28 17.99 -15.74
C VAL B 50 20.83 16.96 -14.77
N PHE B 51 22.14 16.90 -14.64
CA PHE B 51 22.75 16.06 -13.62
C PHE B 51 23.50 16.88 -12.57
N ARG B 52 23.40 16.43 -11.31
CA ARG B 52 24.09 17.11 -10.21
C ARG B 52 24.78 16.11 -9.30
N GLN B 53 26.10 16.19 -9.21
CA GLN B 53 26.82 15.31 -8.27
C GLN B 53 26.53 15.66 -6.82
N LEU B 54 26.11 14.65 -6.06
CA LEU B 54 25.72 14.85 -4.66
C LEU B 54 26.77 14.36 -3.68
N ALA B 55 27.50 13.33 -4.11
CA ALA B 55 28.56 12.69 -3.34
C ALA B 55 29.51 12.03 -4.35
N PRO B 56 30.64 11.44 -3.87
CA PRO B 56 31.61 10.95 -4.85
C PRO B 56 31.01 9.84 -5.72
N ASN B 57 30.03 9.11 -5.19
CA ASN B 57 29.41 8.03 -5.95
C ASN B 57 27.89 8.19 -6.13
N VAL B 58 27.38 9.41 -5.98
CA VAL B 58 25.93 9.62 -6.15
C VAL B 58 25.67 10.84 -6.98
N TRP B 59 24.74 10.69 -7.93
CA TRP B 59 24.25 11.84 -8.69
C TRP B 59 22.74 11.88 -8.70
N GLN B 60 22.20 13.09 -8.85
CA GLN B 60 20.77 13.32 -9.02
C GLN B 60 20.49 13.59 -10.50
N HIS B 61 19.58 12.81 -11.10
CA HIS B 61 19.12 13.11 -12.44
C HIS B 61 17.82 13.94 -12.38
N THR B 62 17.69 14.91 -13.27
CA THR B 62 16.47 15.74 -13.36
C THR B 62 15.97 15.78 -14.78
N SER B 63 14.68 15.52 -14.98
CA SER B 63 14.09 15.55 -16.30
C SER B 63 12.84 16.42 -16.18
N TYR B 64 12.37 16.97 -17.30
CA TYR B 64 11.27 17.94 -17.29
C TYR B 64 10.13 17.48 -18.16
N LEU B 65 8.92 17.70 -17.70
CA LEU B 65 7.76 17.23 -18.45
C LEU B 65 7.45 18.20 -19.57
N ASP B 66 7.31 17.65 -20.78
CA ASP B 66 7.19 18.44 -21.99
C ASP B 66 5.86 18.07 -22.65
N MET B 67 4.81 18.84 -22.33
CA MET B 67 3.51 18.63 -22.94
C MET B 67 2.73 19.95 -23.06
N PRO B 68 2.30 20.26 -24.30
CA PRO B 68 1.27 21.28 -24.52
C PRO B 68 0.33 21.41 -23.31
N GLY B 69 0.30 22.58 -22.70
CA GLY B 69 -0.73 22.91 -21.72
C GLY B 69 -0.38 22.54 -20.30
N PHE B 70 0.87 22.11 -20.08
CA PHE B 70 1.40 21.96 -18.73
C PHE B 70 2.78 22.60 -18.67
N GLY B 71 3.14 23.10 -17.48
CA GLY B 71 4.45 23.72 -17.26
C GLY B 71 5.60 22.74 -17.46
N ALA B 72 6.84 23.23 -17.42
CA ALA B 72 8.01 22.35 -17.46
C ALA B 72 8.38 21.81 -16.06
N VAL B 73 7.61 20.87 -15.56
CA VAL B 73 7.78 20.39 -14.20
C VAL B 73 9.01 19.49 -14.06
N ALA B 74 9.88 19.83 -13.11
CA ALA B 74 11.11 19.08 -12.86
C ALA B 74 10.79 17.82 -12.06
N SER B 75 11.46 16.72 -12.36
CA SER B 75 11.40 15.52 -11.53
C SER B 75 12.80 14.93 -11.34
N ASN B 76 13.12 14.58 -10.10
CA ASN B 76 14.48 14.16 -9.75
C ASN B 76 14.50 12.67 -9.42
N GLY B 77 15.59 11.99 -9.76
CA GLY B 77 15.88 10.69 -9.17
C GLY B 77 17.37 10.60 -8.89
N LEU B 78 17.87 9.38 -8.74
CA LEU B 78 19.25 9.17 -8.31
C LEU B 78 19.98 8.17 -9.21
N ILE B 79 21.29 8.35 -9.31
CA ILE B 79 22.19 7.38 -9.88
C ILE B 79 23.26 7.12 -8.83
N VAL B 80 23.57 5.85 -8.58
CA VAL B 80 24.53 5.49 -7.54
C VAL B 80 25.59 4.55 -8.10
N ARG B 81 26.86 4.90 -7.91
CA ARG B 81 27.94 4.01 -8.31
C ARG B 81 28.31 3.12 -7.13
N ASP B 82 28.22 1.80 -7.32
CA ASP B 82 28.45 0.80 -6.26
C ASP B 82 29.53 -0.14 -6.75
N GLY B 83 30.79 0.22 -6.54
CA GLY B 83 31.91 -0.56 -7.05
C GLY B 83 31.93 -0.59 -8.56
N GLY B 84 31.79 -1.78 -9.13
CA GLY B 84 31.80 -1.94 -10.60
C GLY B 84 30.42 -1.93 -11.26
N ARG B 85 29.42 -1.42 -10.57
CA ARG B 85 28.10 -1.34 -11.18
C ARG B 85 27.38 -0.04 -10.83
N VAL B 86 26.29 0.25 -11.54
CA VAL B 86 25.48 1.43 -11.29
C VAL B 86 24.04 1.06 -10.96
N LEU B 87 23.49 1.76 -9.98
CA LEU B 87 22.12 1.57 -9.56
C LEU B 87 21.37 2.87 -9.79
N VAL B 88 20.10 2.73 -10.17
CA VAL B 88 19.27 3.86 -10.54
C VAL B 88 18.01 3.91 -9.66
N VAL B 89 17.69 5.10 -9.14
CA VAL B 89 16.39 5.31 -8.50
C VAL B 89 15.49 6.23 -9.31
N ASP B 90 14.35 5.70 -9.75
CA ASP B 90 13.34 6.42 -10.56
C ASP B 90 13.76 6.59 -12.03
N THR B 91 12.81 6.43 -12.95
CA THR B 91 13.03 6.81 -14.34
C THR B 91 12.82 8.31 -14.51
N ALA B 92 12.98 8.79 -15.73
CA ALA B 92 12.51 10.14 -16.08
C ALA B 92 11.04 10.07 -16.50
N TRP B 93 10.45 11.23 -16.80
CA TRP B 93 9.07 11.31 -17.30
C TRP B 93 8.77 10.37 -18.48
N THR B 94 9.73 10.19 -19.38
CA THR B 94 9.44 9.43 -20.63
C THR B 94 10.52 8.40 -20.91
N ASP B 95 10.24 7.50 -21.84
CA ASP B 95 11.26 6.54 -22.29
C ASP B 95 12.47 7.25 -22.90
N ASP B 96 12.23 8.23 -23.76
CA ASP B 96 13.35 8.89 -24.43
C ASP B 96 14.25 9.64 -23.44
N GLN B 97 13.65 10.27 -22.44
CA GLN B 97 14.40 10.96 -21.38
C GLN B 97 15.19 9.97 -20.52
N THR B 98 14.61 8.79 -20.29
CA THR B 98 15.27 7.72 -19.56
C THR B 98 16.45 7.12 -20.34
N ALA B 99 16.28 6.91 -21.65
CA ALA B 99 17.38 6.47 -22.50
C ALA B 99 18.55 7.47 -22.43
N GLN B 100 18.20 8.75 -22.36
CA GLN B 100 19.19 9.84 -22.21
C GLN B 100 19.99 9.71 -20.91
N ILE B 101 19.32 9.30 -19.83
CA ILE B 101 19.99 9.04 -18.57
C ILE B 101 20.98 7.89 -18.73
N LEU B 102 20.56 6.82 -19.40
CA LEU B 102 21.45 5.70 -19.67
C LEU B 102 22.66 6.14 -20.51
N ASN B 103 22.46 7.04 -21.46
CA ASN B 103 23.56 7.52 -22.31
C ASN B 103 24.55 8.34 -21.46
N TRP B 104 24.02 9.14 -20.54
CA TRP B 104 24.86 9.90 -19.64
C TRP B 104 25.69 8.95 -18.80
N ILE B 105 25.06 7.91 -18.24
CA ILE B 105 25.79 6.99 -17.37
C ILE B 105 26.89 6.29 -18.20
N LYS B 106 26.54 5.84 -19.39
CA LYS B 106 27.52 5.21 -20.30
C LYS B 106 28.71 6.14 -20.56
N GLN B 107 28.41 7.40 -20.85
CA GLN B 107 29.43 8.34 -21.29
C GLN B 107 30.30 8.79 -20.11
N GLU B 108 29.68 9.07 -18.97
CA GLU B 108 30.34 9.71 -17.84
C GLU B 108 30.84 8.74 -16.78
N ILE B 109 30.21 7.58 -16.66
CA ILE B 109 30.59 6.62 -15.61
C ILE B 109 31.11 5.33 -16.26
N ASN B 110 30.52 4.95 -17.39
CA ASN B 110 30.95 3.76 -18.12
C ASN B 110 31.04 2.52 -17.24
N LEU B 111 29.96 2.25 -16.51
CA LEU B 111 29.79 0.98 -15.82
C LEU B 111 28.39 0.46 -16.09
N PRO B 112 28.24 -0.86 -16.10
CA PRO B 112 26.92 -1.42 -16.38
C PRO B 112 25.86 -1.08 -15.29
N VAL B 113 24.63 -0.79 -15.71
CA VAL B 113 23.56 -0.52 -14.75
C VAL B 113 22.90 -1.83 -14.32
N ALA B 114 23.04 -2.19 -13.04
CA ALA B 114 22.61 -3.52 -12.59
C ALA B 114 21.12 -3.60 -12.30
N LEU B 115 20.56 -2.52 -11.78
CA LEU B 115 19.16 -2.50 -11.40
C LEU B 115 18.62 -1.07 -11.26
N ALA B 116 17.29 -0.95 -11.30
CA ALA B 116 16.65 0.29 -10.95
C ALA B 116 15.54 0.02 -9.92
N VAL B 117 15.39 0.93 -8.97
CA VAL B 117 14.24 0.95 -8.09
C VAL B 117 13.36 2.15 -8.45
N VAL B 118 12.06 1.94 -8.60
CA VAL B 118 11.16 3.07 -8.81
C VAL B 118 10.13 3.22 -7.68
N THR B 119 9.82 4.45 -7.30
CA THR B 119 9.35 4.72 -5.93
C THR B 119 7.85 4.95 -5.79
N HIS B 120 7.15 5.07 -6.92
CA HIS B 120 5.70 4.83 -6.97
C HIS B 120 5.16 4.92 -8.40
N ALA B 121 3.93 4.47 -8.61
CA ALA B 121 3.38 4.37 -9.97
C ALA B 121 2.76 5.69 -10.49
N HIS B 122 3.57 6.74 -10.60
CA HIS B 122 3.18 7.96 -11.33
C HIS B 122 4.21 8.20 -12.42
N GLN B 123 3.83 8.99 -13.42
CA GLN B 123 4.62 9.06 -14.64
C GLN B 123 6.04 9.58 -14.37
N ASP B 124 6.17 10.51 -13.44
CA ASP B 124 7.48 11.09 -13.20
C ASP B 124 8.48 10.09 -12.63
N LYS B 125 7.97 8.95 -12.14
CA LYS B 125 8.84 7.96 -11.49
C LYS B 125 8.98 6.70 -12.34
N MET B 126 7.93 6.37 -13.08
CA MET B 126 7.85 5.12 -13.79
C MET B 126 7.51 5.31 -15.26
N GLY B 127 7.59 6.55 -15.73
CA GLY B 127 7.31 6.84 -17.13
C GLY B 127 8.29 6.24 -18.13
N GLY B 128 9.48 5.85 -17.67
CA GLY B 128 10.50 5.31 -18.57
C GLY B 128 10.87 3.84 -18.44
N MET B 129 9.96 3.04 -17.89
CA MET B 129 10.29 1.67 -17.53
C MET B 129 10.73 0.91 -18.76
N ASP B 130 10.07 1.14 -19.89
CA ASP B 130 10.40 0.39 -21.09
C ASP B 130 11.82 0.64 -21.59
N ALA B 131 12.32 1.86 -21.42
CA ALA B 131 13.71 2.12 -21.77
C ALA B 131 14.67 1.32 -20.90
N LEU B 132 14.33 1.18 -19.62
CA LEU B 132 15.17 0.38 -18.73
C LEU B 132 15.16 -1.07 -19.21
N HIS B 133 13.95 -1.56 -19.50
CA HIS B 133 13.79 -2.95 -19.90
C HIS B 133 14.48 -3.27 -21.22
N ALA B 134 14.40 -2.34 -22.17
CA ALA B 134 15.13 -2.51 -23.43
C ALA B 134 16.64 -2.60 -23.19
N ALA B 135 17.14 -1.90 -22.17
CA ALA B 135 18.58 -1.93 -21.86
C ALA B 135 19.01 -3.16 -21.07
N GLY B 136 18.07 -4.07 -20.78
CA GLY B 136 18.39 -5.26 -20.02
C GLY B 136 18.57 -5.02 -18.52
N ILE B 137 18.03 -3.91 -18.03
CA ILE B 137 18.15 -3.56 -16.61
C ILE B 137 17.01 -4.17 -15.81
N ALA B 138 17.35 -4.85 -14.72
CA ALA B 138 16.37 -5.40 -13.78
C ALA B 138 15.66 -4.32 -12.95
N THR B 139 14.33 -4.34 -12.97
CA THR B 139 13.59 -3.27 -12.32
C THR B 139 12.76 -3.76 -11.14
N TYR B 140 12.64 -2.90 -10.14
CA TYR B 140 12.02 -3.25 -8.87
C TYR B 140 11.09 -2.11 -8.49
N ALA B 141 9.97 -2.45 -7.89
CA ALA B 141 9.05 -1.44 -7.37
C ALA B 141 8.25 -2.13 -6.27
N ASN B 142 7.72 -1.36 -5.33
CA ASN B 142 6.69 -1.86 -4.41
C ASN B 142 5.75 -2.78 -5.20
N ALA B 143 5.42 -3.95 -4.65
CA ALA B 143 4.36 -4.78 -5.21
C ALA B 143 3.10 -3.96 -5.54
N LEU B 144 2.72 -3.05 -4.65
CA LEU B 144 1.54 -2.24 -4.87
C LEU B 144 1.67 -1.31 -6.08
N SER B 145 2.87 -0.78 -6.33
CA SER B 145 3.13 0.05 -7.52
C SER B 145 2.93 -0.81 -8.78
N ASN B 146 3.41 -2.05 -8.75
CA ASN B 146 3.23 -2.92 -9.91
C ASN B 146 1.76 -3.31 -10.14
N GLN B 147 1.02 -3.45 -9.05
CA GLN B 147 -0.43 -3.66 -9.11
C GLN B 147 -1.16 -2.45 -9.67
N LEU B 148 -0.80 -1.25 -9.23
CA LEU B 148 -1.45 -0.03 -9.69
C LEU B 148 -1.02 0.31 -11.12
N ALA B 149 0.16 -0.17 -11.54
CA ALA B 149 0.76 0.28 -12.80
C ALA B 149 -0.25 0.41 -13.95
N PRO B 150 -0.96 -0.68 -14.28
CA PRO B 150 -1.89 -0.65 -15.42
C PRO B 150 -2.97 0.44 -15.32
N GLN B 151 -3.54 0.64 -14.13
CA GLN B 151 -4.55 1.68 -13.91
C GLN B 151 -3.95 3.08 -14.18
N GLU B 152 -2.68 3.22 -13.82
CA GLU B 152 -2.02 4.53 -13.81
C GLU B 152 -1.36 4.81 -15.17
N GLY B 153 -1.41 3.85 -16.09
CA GLY B 153 -0.78 4.04 -17.40
C GLY B 153 0.72 3.74 -17.43
N MET B 154 1.22 3.06 -16.41
CA MET B 154 2.64 2.69 -16.35
C MET B 154 2.87 1.24 -16.79
N VAL B 155 4.05 0.97 -17.31
CA VAL B 155 4.57 -0.39 -17.41
C VAL B 155 5.11 -0.84 -16.06
N ALA B 156 4.63 -1.99 -15.58
CA ALA B 156 5.05 -2.48 -14.26
C ALA B 156 6.55 -2.77 -14.27
N ALA B 157 7.20 -2.65 -13.11
CA ALA B 157 8.54 -3.20 -12.93
C ALA B 157 8.54 -4.70 -13.04
N GLN B 158 9.73 -5.27 -13.16
CA GLN B 158 9.89 -6.70 -13.34
C GLN B 158 9.70 -7.50 -12.06
N HIS B 159 10.06 -6.88 -10.94
CA HIS B 159 10.11 -7.52 -9.63
C HIS B 159 9.34 -6.65 -8.65
N SER B 160 8.76 -7.30 -7.64
CA SER B 160 7.93 -6.65 -6.64
C SER B 160 8.62 -6.70 -5.28
N LEU B 161 8.78 -5.53 -4.66
CA LEU B 161 9.26 -5.44 -3.28
C LEU B 161 8.11 -5.61 -2.33
N THR B 162 8.36 -6.32 -1.23
CA THR B 162 7.40 -6.32 -0.13
C THR B 162 8.09 -5.88 1.16
N PHE B 163 7.29 -5.54 2.16
CA PHE B 163 7.79 -4.79 3.29
C PHE B 163 7.31 -5.43 4.59
N ALA B 164 8.16 -5.40 5.59
CA ALA B 164 7.82 -5.84 6.92
C ALA B 164 6.83 -4.85 7.53
N ALA B 165 6.23 -5.23 8.66
CA ALA B 165 5.33 -4.35 9.38
C ALA B 165 6.02 -3.09 9.89
N ASN B 166 7.34 -3.12 10.07
CA ASN B 166 8.05 -1.90 10.50
C ASN B 166 8.44 -0.95 9.37
N GLY B 167 8.11 -1.34 8.14
CA GLY B 167 8.38 -0.52 6.95
C GLY B 167 9.61 -0.96 6.16
N TRP B 168 10.56 -1.65 6.80
CA TRP B 168 11.76 -2.06 6.08
C TRP B 168 11.44 -3.08 4.98
N VAL B 169 12.02 -2.91 3.80
CA VAL B 169 11.97 -3.93 2.76
C VAL B 169 12.35 -5.33 3.22
N GLU B 170 11.56 -6.31 2.82
CA GLU B 170 11.85 -7.73 3.12
C GLU B 170 13.05 -8.17 2.30
N PRO B 171 14.15 -8.53 2.98
CA PRO B 171 15.41 -8.83 2.24
C PRO B 171 15.25 -9.89 1.13
N ALA B 172 14.32 -10.82 1.30
CA ALA B 172 14.04 -11.81 0.24
C ALA B 172 13.56 -11.20 -1.08
N THR B 173 13.10 -9.94 -1.05
CA THR B 173 12.60 -9.29 -2.26
C THR B 173 13.58 -8.24 -2.82
N ALA B 174 14.72 -8.07 -2.16
CA ALA B 174 15.63 -6.99 -2.52
C ALA B 174 17.06 -7.51 -2.67
N PRO B 175 17.30 -8.39 -3.65
CA PRO B 175 18.61 -9.07 -3.71
C PRO B 175 19.72 -8.15 -4.16
N ASN B 176 20.83 -8.13 -3.44
CA ASN B 176 22.03 -7.52 -3.94
C ASN B 176 21.83 -6.03 -4.20
N PHE B 177 21.17 -5.34 -3.26
CA PHE B 177 20.87 -3.91 -3.42
C PHE B 177 22.04 -3.00 -3.01
N GLY B 178 23.15 -3.59 -2.57
CA GLY B 178 24.34 -2.79 -2.28
C GLY B 178 24.07 -1.80 -1.16
N PRO B 179 24.33 -0.50 -1.41
CA PRO B 179 24.11 0.52 -0.41
C PRO B 179 22.65 1.00 -0.32
N LEU B 180 21.77 0.49 -1.18
CA LEU B 180 20.40 1.04 -1.20
C LEU B 180 19.57 0.45 -0.07
N LYS B 181 19.01 1.32 0.75
CA LYS B 181 18.20 0.90 1.91
C LYS B 181 16.76 1.34 1.69
N VAL B 182 15.90 0.39 1.37
CA VAL B 182 14.57 0.70 0.89
C VAL B 182 13.56 0.63 2.06
N PHE B 183 12.72 1.65 2.17
CA PHE B 183 11.84 1.80 3.33
C PHE B 183 10.47 2.28 2.84
N TYR B 184 9.42 1.59 3.25
CA TYR B 184 8.05 2.03 2.97
C TYR B 184 7.51 2.74 4.22
N PRO B 185 7.23 4.05 4.12
CA PRO B 185 6.92 4.85 5.32
C PRO B 185 5.45 4.79 5.68
N GLY B 186 4.63 4.20 4.81
CA GLY B 186 3.17 4.30 4.95
C GLY B 186 2.55 5.16 3.87
N PRO B 187 1.22 5.18 3.81
CA PRO B 187 0.56 5.94 2.75
C PRO B 187 0.76 7.45 2.98
N GLY B 188 1.07 8.17 1.92
CA GLY B 188 1.30 9.63 2.05
C GLY B 188 0.89 10.38 0.81
N HIS B 189 1.88 10.69 -0.03
CA HIS B 189 1.63 11.15 -1.39
C HIS B 189 0.78 10.15 -2.21
N THR B 190 1.12 8.87 -2.12
CA THR B 190 0.24 7.81 -2.65
C THR B 190 0.19 6.69 -1.62
N SER B 191 -0.60 5.66 -1.91
CA SER B 191 -0.61 4.45 -1.11
C SER B 191 0.72 3.72 -1.18
N ASP B 192 1.36 3.79 -2.33
CA ASP B 192 2.47 2.89 -2.64
C ASP B 192 3.87 3.54 -2.49
N ASN B 193 3.95 4.83 -2.16
CA ASN B 193 5.24 5.52 -2.13
C ASN B 193 6.32 4.86 -1.26
N ILE B 194 7.50 4.66 -1.84
CA ILE B 194 8.63 4.15 -1.06
C ILE B 194 9.81 5.10 -1.07
N THR B 195 10.75 4.88 -0.15
CA THR B 195 11.86 5.82 0.04
C THR B 195 13.15 5.01 0.14
N VAL B 196 14.27 5.67 -0.15
CA VAL B 196 15.53 4.97 -0.31
C VAL B 196 16.64 5.76 0.39
N GLY B 197 17.39 5.10 1.26
CA GLY B 197 18.59 5.71 1.84
C GLY B 197 19.83 5.13 1.18
N ILE B 198 20.92 5.90 1.16
CA ILE B 198 22.16 5.37 0.59
C ILE B 198 23.20 5.19 1.67
N ASP B 199 23.47 3.94 1.99
CA ASP B 199 24.38 3.59 3.08
C ASP B 199 25.75 4.17 2.79
N GLY B 200 26.36 4.77 3.82
CA GLY B 200 27.71 5.32 3.69
C GLY B 200 27.72 6.75 3.17
N THR B 201 26.55 7.34 2.95
CA THR B 201 26.44 8.76 2.65
C THR B 201 25.53 9.43 3.68
N ASP B 202 25.30 10.72 3.52
CA ASP B 202 24.30 11.46 4.30
C ASP B 202 22.94 11.60 3.60
N ILE B 203 22.69 10.76 2.59
CA ILE B 203 21.62 11.04 1.62
C ILE B 203 20.43 10.12 1.85
N ALA B 204 19.23 10.69 1.88
CA ALA B 204 18.05 9.84 1.80
C ALA B 204 17.03 10.44 0.85
N PHE B 205 16.30 9.58 0.15
CA PHE B 205 15.47 10.01 -0.96
C PHE B 205 14.00 9.81 -0.62
N GLY B 206 13.30 10.92 -0.42
CA GLY B 206 11.87 10.90 -0.07
C GLY B 206 10.90 10.82 -1.23
N GLY B 207 11.41 10.90 -2.46
CA GLY B 207 10.55 10.89 -3.64
C GLY B 207 9.53 12.01 -3.57
N CYS B 208 8.27 11.73 -3.92
CA CYS B 208 7.28 12.80 -3.87
C CYS B 208 6.55 12.90 -2.52
N LEU B 209 6.93 12.05 -1.57
CA LEU B 209 6.41 12.13 -0.21
C LEU B 209 6.83 13.44 0.49
N ILE B 210 8.08 13.83 0.30
CA ILE B 210 8.63 14.96 1.03
C ILE B 210 8.71 16.16 0.09
N LYS B 211 8.19 17.32 0.54
CA LYS B 211 8.35 18.57 -0.17
C LYS B 211 9.40 19.40 0.55
N ASP B 212 9.92 20.43 -0.12
CA ASP B 212 11.00 21.21 0.46
C ASP B 212 10.46 22.14 1.55
N SER B 213 11.36 22.66 2.37
CA SER B 213 11.03 23.44 3.55
C SER B 213 10.28 24.77 3.34
N LYS B 214 10.33 25.26 2.13
CA LYS B 214 9.62 26.43 1.69
C LYS B 214 8.32 26.19 0.92
N ALA B 215 7.91 24.93 0.81
CA ALA B 215 6.78 24.60 -0.02
C ALA B 215 5.51 25.27 0.51
N LYS B 216 4.65 25.69 -0.40
CA LYS B 216 3.38 26.29 0.02
C LYS B 216 2.25 25.28 0.12
N SER B 217 2.44 24.08 -0.44
CA SER B 217 1.38 23.08 -0.47
C SER B 217 2.00 21.66 -0.58
N LEU B 218 1.15 20.65 -0.52
CA LEU B 218 1.62 19.26 -0.61
C LEU B 218 1.58 18.75 -2.05
N GLY B 219 1.31 19.67 -2.98
CA GLY B 219 1.34 19.32 -4.39
C GLY B 219 0.13 18.49 -4.76
N ASN B 220 0.32 17.55 -5.68
CA ASN B 220 -0.78 16.70 -6.13
C ASN B 220 -1.31 15.79 -5.01
N LEU B 221 -2.56 16.00 -4.61
CA LEU B 221 -3.20 15.22 -3.54
C LEU B 221 -4.34 14.32 -4.03
N GLY B 222 -4.49 14.18 -5.33
CA GLY B 222 -5.51 13.28 -5.89
C GLY B 222 -5.42 11.87 -5.34
N ASP B 223 -4.20 11.36 -5.18
CA ASP B 223 -3.97 9.95 -4.82
C ASP B 223 -3.55 9.79 -3.35
N ALA B 224 -3.60 10.88 -2.61
CA ALA B 224 -2.94 11.00 -1.32
C ALA B 224 -3.76 10.41 -0.17
N ASP B 225 -3.07 10.02 0.89
CA ASP B 225 -3.74 9.58 2.14
C ASP B 225 -3.59 10.65 3.22
N THR B 226 -4.61 11.51 3.37
CA THR B 226 -4.51 12.68 4.22
C THR B 226 -4.51 12.34 5.73
N GLU B 227 -5.10 11.21 6.09
CA GLU B 227 -5.07 10.79 7.48
C GLU B 227 -3.66 10.38 7.94
N HIS B 228 -2.92 9.70 7.07
CA HIS B 228 -1.64 9.08 7.45
C HIS B 228 -0.37 9.79 6.96
N TYR B 229 -0.54 10.73 6.03
CA TYR B 229 0.59 11.43 5.42
C TYR B 229 1.61 11.96 6.43
N ALA B 230 1.14 12.66 7.48
CA ALA B 230 2.09 13.23 8.45
C ALA B 230 2.91 12.18 9.21
N ALA B 231 2.28 11.06 9.54
CA ALA B 231 2.97 9.99 10.24
C ALA B 231 3.92 9.31 9.28
N SER B 232 3.51 9.17 8.02
CA SER B 232 4.41 8.60 7.01
C SER B 232 5.66 9.48 6.80
N ALA B 233 5.46 10.79 6.72
CA ALA B 233 6.59 11.71 6.65
C ALA B 233 7.53 11.57 7.87
N ARG B 234 6.96 11.52 9.07
CA ARG B 234 7.80 11.29 10.28
C ARG B 234 8.48 9.90 10.27
N ALA B 235 7.81 8.88 9.75
CA ALA B 235 8.41 7.55 9.69
C ALA B 235 9.66 7.54 8.80
N PHE B 236 9.55 8.13 7.61
CA PHE B 236 10.72 8.37 6.74
C PHE B 236 11.88 8.99 7.54
N GLY B 237 11.59 10.05 8.29
CA GLY B 237 12.63 10.71 9.07
C GLY B 237 13.28 9.77 10.06
N ALA B 238 12.45 9.01 10.77
CA ALA B 238 12.95 8.08 11.76
C ALA B 238 13.69 6.90 11.13
N ALA B 239 13.33 6.53 9.90
CA ALA B 239 14.02 5.40 9.23
C ALA B 239 15.45 5.76 8.84
N PHE B 240 15.69 7.05 8.57
CA PHE B 240 17.03 7.53 8.20
C PHE B 240 17.53 8.68 9.08
N PRO B 241 17.72 8.40 10.39
CA PRO B 241 17.73 9.46 11.41
C PRO B 241 18.97 10.33 11.31
N LYS B 242 19.99 9.84 10.63
CA LYS B 242 21.23 10.58 10.48
C LYS B 242 21.37 11.22 9.09
N ALA B 243 20.42 10.96 8.19
CA ALA B 243 20.50 11.56 6.85
C ALA B 243 20.46 13.06 7.01
N SER B 244 21.27 13.76 6.23
CA SER B 244 21.23 15.19 6.33
C SER B 244 20.87 15.83 5.00
N MET B 245 20.98 15.06 3.91
CA MET B 245 20.59 15.56 2.61
C MET B 245 19.34 14.81 2.15
N ILE B 246 18.23 15.52 2.11
CA ILE B 246 16.97 14.90 1.72
C ILE B 246 16.66 15.25 0.28
N VAL B 247 16.77 14.25 -0.58
CA VAL B 247 16.54 14.43 -2.00
C VAL B 247 15.08 14.10 -2.25
N MET B 248 14.45 14.88 -3.10
CA MET B 248 13.04 14.73 -3.31
C MET B 248 12.72 14.96 -4.77
N SER B 249 11.48 14.69 -5.15
CA SER B 249 11.14 14.64 -6.57
C SER B 249 11.11 16.01 -7.23
N HIS B 250 10.62 17.01 -6.52
CA HIS B 250 10.21 18.25 -7.20
C HIS B 250 10.87 19.50 -6.63
N SER B 251 11.90 19.32 -5.81
CA SER B 251 12.76 20.45 -5.41
C SER B 251 14.22 20.02 -5.34
N ALA B 252 15.14 20.99 -5.34
CA ALA B 252 16.54 20.72 -5.01
C ALA B 252 16.66 20.05 -3.64
N PRO B 253 17.72 19.26 -3.44
CA PRO B 253 17.82 18.59 -2.14
C PRO B 253 17.79 19.59 -0.99
N ASP B 254 17.23 19.18 0.15
CA ASP B 254 17.00 20.10 1.27
C ASP B 254 17.51 19.43 2.55
N SER B 255 17.48 20.18 3.65
CA SER B 255 17.84 19.65 4.95
C SER B 255 16.65 18.84 5.53
N ARG B 256 16.85 18.27 6.72
CA ARG B 256 15.76 17.63 7.47
C ARG B 256 14.58 18.53 7.78
N ALA B 257 14.76 19.85 7.67
CA ALA B 257 13.63 20.79 7.81
C ALA B 257 12.50 20.47 6.82
N ALA B 258 12.84 19.98 5.63
CA ALA B 258 11.84 19.55 4.66
C ALA B 258 10.93 18.45 5.22
N ILE B 259 11.49 17.56 6.04
CA ILE B 259 10.71 16.46 6.59
C ILE B 259 9.69 16.99 7.62
N THR B 260 10.14 17.88 8.49
CA THR B 260 9.24 18.37 9.53
C THR B 260 8.25 19.37 8.93
N HIS B 261 8.69 20.16 7.96
CA HIS B 261 7.78 21.07 7.27
C HIS B 261 6.68 20.27 6.58
N THR B 262 7.07 19.21 5.87
CA THR B 262 6.10 18.35 5.24
C THR B 262 5.06 17.77 6.22
N ALA B 263 5.56 17.23 7.34
CA ALA B 263 4.71 16.62 8.33
C ALA B 263 3.71 17.63 8.88
N ARG B 264 4.21 18.82 9.23
CA ARG B 264 3.33 19.89 9.67
C ARG B 264 2.25 20.21 8.65
N MET B 265 2.61 20.36 7.38
CA MET B 265 1.60 20.69 6.38
C MET B 265 0.52 19.61 6.31
N ALA B 266 0.94 18.36 6.45
CA ALA B 266 0.02 17.23 6.32
C ALA B 266 -0.87 17.12 7.56
N ASP B 267 -0.34 17.44 8.74
CA ASP B 267 -1.15 17.46 9.95
C ASP B 267 -2.14 18.62 9.92
N LYS B 268 -1.74 19.74 9.32
CA LYS B 268 -2.68 20.85 9.21
C LYS B 268 -3.84 20.42 8.33
N LEU B 269 -3.51 19.73 7.25
CA LEU B 269 -4.51 19.31 6.32
C LEU B 269 -5.46 18.29 6.98
N ARG B 270 -4.89 17.32 7.68
CA ARG B 270 -5.70 16.35 8.43
C ARG B 270 -6.68 17.06 9.34
N LEU B 271 -6.25 18.12 10.00
CA LEU B 271 -7.10 18.76 11.01
C LEU B 271 -8.05 19.79 10.40
N VAL B 272 -8.02 19.86 9.07
CA VAL B 272 -8.77 20.79 8.21
C VAL B 272 -8.20 22.20 8.05
O 0RV C . -24.85 5.10 8.07
C 0RV C . -24.84 3.88 7.85
NAY 0RV C . -25.88 3.25 7.27
CAC 0RV C . -25.83 1.79 7.03
CAD 0RV C . -27.03 4.05 6.90
CA 0RV C . -23.59 3.04 8.27
CB 0RV C . -22.49 3.92 9.03
N 0RV C . -22.91 1.69 7.85
CD 0RV C . -21.65 1.59 8.67
CG 0RV C . -21.14 3.08 8.94
SAO 0RV C . -19.55 3.75 8.48
CAT 0RV C . -18.49 2.51 9.12
CAV 0RV C . -18.25 2.27 10.49
CAB 0RV C . -18.11 3.57 11.28
CAS 0RV C . -17.81 1.59 8.38
CAP 0RV C . -17.87 1.60 7.06
OAE 0RV C . -17.22 0.75 6.40
OAH 0RV C . -18.58 2.44 6.46
NAN 0RV C . -17.12 0.82 9.15
CAZ 0RV C . -16.96 1.37 10.48
CBA 0RV C . -15.65 2.15 10.62
CAQ 0RV C . -14.84 1.69 9.35
OAF 0RV C . -14.25 2.59 8.71
OAI 0RV C . -14.85 0.48 9.09
CAU 0RV C . -14.91 1.78 11.91
OAJ 0RV C . -13.93 2.79 12.19
CAA 0RV C . -14.22 0.43 11.73
H1 0RV C . -25.82 1.27 7.98
H3 0RV C . -26.72 1.50 6.48
H4 0RV C . -26.61 4.88 6.33
H5 0RV C . -27.66 3.60 6.19
H6 0RV C . -27.49 4.54 7.70
H7 0RV C . -23.38 3.51 7.27
H8 0RV C . -22.38 4.98 8.71
H9 0RV C . -22.78 3.93 10.07
H10 0RV C . -23.54 0.99 8.15
H12 0RV C . -21.82 1.16 9.66
H13 0RV C . -20.86 0.97 8.19
H14 0RV C . -21.18 3.21 7.85
H15 0RV C . -17.77 4.38 10.63
H16 0RV C . -17.44 3.45 12.13
H17 0RV C . -19.10 3.85 11.66
H19 0RV C . -17.03 0.63 11.29
H20 0RV C . -15.79 3.22 10.56
H22 0RV C . -15.61 1.73 12.74
H23 0RV C . -13.52 2.61 13.09
H24 0RV C . -13.72 0.16 12.66
H25 0RV C . -13.48 0.50 10.93
H26 0RV C . -14.95 -0.33 11.48
ZN ZN D . -16.54 -1.23 8.57
ZN ZN E . -12.85 0.35 7.99
O 0RV F . 6.11 20.39 -5.07
C 0RV F . 5.15 20.89 -5.72
NAY 0RV F . 4.20 21.64 -5.10
CAC 0RV F . 4.43 21.82 -3.66
CAD 0RV F . 3.10 22.37 -5.77
CA 0RV F . 5.06 20.63 -7.28
CB 0RV F . 3.75 20.66 -8.11
N 0RV F . 5.97 19.83 -8.19
CD 0RV F . 5.23 18.73 -8.81
CG 0RV F . 3.91 19.42 -9.04
SAO 0RV F . 2.66 18.32 -8.54
CAT 0RV F . 3.24 16.77 -9.11
CAV 0RV F . 3.42 16.34 -10.47
CAB 0RV F . 2.40 16.79 -11.55
CAS 0RV F . 3.77 15.84 -8.31
CAP 0RV F . 3.93 15.93 -6.95
OAE 0RV F . 3.47 16.82 -6.24
OAH 0RV F . 4.51 15.07 -6.31
NAN 0RV F . 4.21 14.83 -9.01
CAZ 0RV F . 3.59 14.83 -10.36
CBA 0RV F . 2.32 13.93 -10.37
CAQ 0RV F . 2.53 13.05 -9.14
OAF 0RV F . 3.67 12.61 -9.03
OAI 0RV F . 1.56 12.94 -8.36
CAU 0RV F . 2.12 13.08 -11.69
OAJ 0RV F . 0.80 12.43 -11.73
CAA 0RV F . 3.23 12.03 -11.88
H1 0RV F . 5.11 22.65 -3.52
H3 0RV F . 3.48 22.02 -3.19
H4 0RV F . 2.18 21.82 -5.74
H5 0RV F . 3.39 22.66 -6.76
H6 0RV F . 2.94 23.30 -5.24
H7 0RV F . 4.75 19.69 -6.78
H8 0RV F . 2.80 20.60 -7.58
H9 0RV F . 3.73 21.55 -8.74
H10 0RV F . 6.25 20.46 -8.91
H12 0RV F . 5.66 18.40 -9.75
H13 0RV F . 5.07 17.87 -8.16
H14 0RV F . 3.79 19.68 -10.09
H15 0RV F . 1.38 16.57 -11.24
H16 0RV F . 2.62 16.27 -12.47
H17 0RV F . 2.49 17.85 -11.73
H19 0RV F . 4.31 14.49 -11.09
H20 0RV F . 1.43 14.53 -10.20
H22 0RV F . 2.15 13.74 -12.54
H23 0RV F . 0.87 11.46 -11.67
H24 0RV F . 2.94 11.35 -12.68
H25 0RV F . 3.34 11.45 -10.99
H26 0RV F . 4.18 12.46 -12.17
ZN ZN G . 6.03 13.61 -8.28
ZN ZN H . 3.34 10.91 -7.59
#